data_7R0J
#
_entry.id   7R0J
#
_cell.length_a   1.00
_cell.length_b   1.00
_cell.length_c   1.00
_cell.angle_alpha   90.00
_cell.angle_beta   90.00
_cell.angle_gamma   90.00
#
_symmetry.space_group_name_H-M   'P 1'
#
loop_
_entity.id
_entity.type
_entity.pdbx_description
1 polymer 'V2R Cter'
2 polymer Arrestin2
3 polymer ScFv30
#
loop_
_entity_poly.entity_id
_entity_poly.type
_entity_poly.pdbx_seq_one_letter_code
_entity_poly.pdbx_strand_id
1 'polypeptide(L)' E(SEP)C(TPO)(TPO)A(SEP)(SEP)(SEP)LAKD A
2 'polypeptide(L)'
;MGASWSHPQFEKGGGSGGGSGGSSAWSHPQFEKLEVLFQGPASGDKGTRVFKKASPNGKLTVYLGKRDFVDHIDLVDPVD
GVVLVDPEYLKERRVYVTLTCAFRYGREDLDVLGLTFRKDLFVANVQSFPPAPEDKKPLTRLQERLIKKLGEHAYPFTFE
IPPNLPCSVTLQPGPEDTGKACGVDYEVKAFCAENLEEKIHKRNSVRLVIRKVQYAPERPGPQPTAETTRQFLMSDKPLH
LEASLDKEIYYHGEPISVNVHVTNNTNKTVKKIKISVRQYADICLFNTAQYKCPVAMEEADDTVAPSSTFCKVYTLTPFL
ANNREKRGLALDGKLKHEDTNLASSTLLREGANREILGIIVSYKVKVKLVVSRGGLLGDLASSDVAVELPFTLMHPKPKE
EPPHREVPENETPVDTNLIELDTN
;
C
3 'polypeptide(L)'
;AMGDIQMTQSPSSLSASVGDRVTITCRASQSVSSAVAWYQQKPGKAPKLLIYSASSLYSGVPSRFSGSRSGTDFTLTISS
LQPEDFATYYCQQYKYVPVTFGCGTKVEIKGTTAASGSSGGSSSGAEVQLVESGGGLVQPGGSLRLSCAASGFNVYSSSI
HWVRQAPGKCLEWVASISSYYGYTYYADSVKGRFTISADTSKNTAYLQMNSLRAEDTAVYYCARSRQFWYSGLDYWGQGT
LVTVSSAAADDDDKAGWSHPQFEKGGGSGGGSGGGSWSHPQFEK
;
D
#
# COMPACT_ATOMS: atom_id res chain seq x y z
N GLU A 1 2.52 26.67 9.93
CA GLU A 1 1.34 27.26 10.54
C GLU A 1 0.18 26.27 10.56
N CYS A 3 -1.43 22.24 12.34
CA CYS A 3 -1.51 21.42 13.54
C CYS A 3 -1.03 20.01 13.25
N ALA A 6 -4.02 13.47 15.10
CA ALA A 6 -3.80 12.33 15.97
C ALA A 6 -5.05 11.46 15.98
N LEU A 10 -12.40 4.08 21.26
CA LEU A 10 -13.81 3.89 21.57
C LEU A 10 -14.05 2.63 22.38
N ALA A 11 -15.31 2.33 22.61
CA ALA A 11 -15.74 1.07 23.20
C ALA A 11 -16.76 0.43 22.29
N LYS A 12 -16.62 -0.88 22.08
CA LYS A 12 -17.57 -1.60 21.24
C LYS A 12 -18.96 -1.61 21.88
N ASP A 13 -19.97 -1.42 21.04
CA ASP A 13 -21.36 -1.38 21.48
C ASP A 13 -21.58 -0.33 22.57
N THR B 48 -12.68 0.18 18.63
CA THR B 48 -11.87 0.59 17.49
C THR B 48 -11.27 1.98 17.73
N ARG B 49 -10.60 2.51 16.70
CA ARG B 49 -9.88 3.77 16.80
C ARG B 49 -10.50 4.82 15.88
N VAL B 50 -10.34 6.09 16.27
CA VAL B 50 -10.86 7.22 15.51
C VAL B 50 -9.82 8.31 15.39
N PHE B 51 -9.76 8.89 14.20
CA PHE B 51 -8.80 9.93 13.86
C PHE B 51 -9.32 11.30 14.25
N LYS B 52 -8.40 12.20 14.62
CA LYS B 52 -8.79 13.52 15.06
C LYS B 52 -7.80 14.58 14.59
N LYS B 53 -8.31 15.78 14.39
CA LYS B 53 -7.54 16.88 13.85
C LYS B 53 -7.96 18.17 14.56
N ALA B 54 -6.99 19.01 14.88
CA ALA B 54 -7.25 20.21 15.66
C ALA B 54 -6.99 21.46 14.85
N SER B 55 -7.81 22.49 15.09
CA SER B 55 -7.61 23.77 14.45
C SER B 55 -6.42 24.51 15.07
N PRO B 56 -5.81 25.43 14.33
CA PRO B 56 -4.69 26.19 14.91
C PRO B 56 -5.06 26.94 16.17
N ASN B 57 -6.26 27.51 16.21
CA ASN B 57 -6.69 28.28 17.36
C ASN B 57 -7.13 27.40 18.52
N GLY B 58 -7.33 26.11 18.28
CA GLY B 58 -7.90 25.23 19.27
C GLY B 58 -9.41 25.33 19.41
N LYS B 59 -10.07 26.11 18.56
CA LYS B 59 -11.50 26.28 18.70
C LYS B 59 -12.26 25.13 18.08
N LEU B 60 -11.57 24.19 17.46
CA LEU B 60 -12.18 23.33 16.47
C LEU B 60 -11.46 22.00 16.39
N THR B 61 -12.18 20.92 16.70
CA THR B 61 -11.57 19.60 16.81
C THR B 61 -12.43 18.60 16.05
N VAL B 62 -12.02 18.26 14.85
CA VAL B 62 -12.84 17.34 14.06
C VAL B 62 -12.44 15.91 14.37
N TYR B 63 -13.43 15.06 14.52
CA TYR B 63 -13.23 13.62 14.62
C TYR B 63 -13.78 12.97 13.37
N LEU B 64 -12.97 12.10 12.77
CA LEU B 64 -13.37 11.30 11.64
C LEU B 64 -12.99 9.85 11.92
N GLY B 65 -13.66 8.93 11.24
CA GLY B 65 -13.40 7.52 11.48
C GLY B 65 -12.44 6.90 10.50
N LYS B 66 -12.65 7.09 9.20
CA LYS B 66 -11.82 6.43 8.21
C LYS B 66 -11.37 7.44 7.18
N ARG B 67 -10.08 7.39 6.86
CA ARG B 67 -9.48 8.28 5.88
C ARG B 67 -9.73 7.83 4.45
N ASP B 68 -10.37 6.70 4.26
CA ASP B 68 -10.77 6.25 2.93
C ASP B 68 -12.27 6.00 2.91
N PHE B 69 -12.80 5.64 1.75
CA PHE B 69 -14.21 5.34 1.59
C PHE B 69 -14.36 4.21 0.58
N VAL B 70 -15.16 3.22 0.92
CA VAL B 70 -15.45 2.13 0.00
C VAL B 70 -16.39 2.67 -1.06
N ASP B 71 -15.88 2.85 -2.27
CA ASP B 71 -16.76 2.95 -3.42
C ASP B 71 -17.38 1.59 -3.59
N HIS B 72 -18.61 1.43 -3.13
CA HIS B 72 -19.29 0.16 -3.32
C HIS B 72 -19.82 0.02 -4.73
N ILE B 73 -19.24 0.77 -5.67
CA ILE B 73 -19.68 0.87 -7.06
C ILE B 73 -21.03 1.58 -7.07
N ASP B 74 -22.05 0.93 -6.54
CA ASP B 74 -23.35 1.58 -6.43
C ASP B 74 -23.27 2.82 -5.57
N LEU B 75 -22.37 2.84 -4.60
CA LEU B 75 -22.35 3.90 -3.63
C LEU B 75 -20.95 4.06 -3.06
N VAL B 76 -20.71 5.22 -2.47
CA VAL B 76 -19.50 5.48 -1.70
C VAL B 76 -19.92 5.75 -0.27
N ASP B 77 -19.16 5.21 0.67
CA ASP B 77 -19.51 5.36 2.08
C ASP B 77 -19.62 6.84 2.42
N PRO B 78 -20.67 7.25 3.10
CA PRO B 78 -20.87 8.68 3.35
C PRO B 78 -19.77 9.23 4.23
N VAL B 79 -19.46 10.50 4.04
CA VAL B 79 -18.44 11.18 4.84
C VAL B 79 -19.16 11.59 6.13
N ASP B 80 -19.16 10.72 7.11
CA ASP B 80 -19.81 11.01 8.37
C ASP B 80 -18.75 11.26 9.43
N GLY B 81 -18.89 12.37 10.12
CA GLY B 81 -17.93 12.70 11.17
C GLY B 81 -18.57 13.63 12.17
N VAL B 82 -17.77 14.08 13.13
CA VAL B 82 -18.27 14.96 14.17
C VAL B 82 -17.27 16.06 14.40
N VAL B 83 -17.76 17.19 14.91
CA VAL B 83 -16.93 18.36 15.20
C VAL B 83 -17.07 18.67 16.67
N LEU B 84 -15.95 18.99 17.31
CA LEU B 84 -15.95 19.49 18.67
C LEU B 84 -15.72 20.99 18.64
N VAL B 85 -16.63 21.72 19.27
CA VAL B 85 -16.64 23.18 19.25
C VAL B 85 -16.53 23.65 20.68
N ASP B 86 -16.02 24.85 20.87
CA ASP B 86 -16.00 25.50 22.16
C ASP B 86 -16.83 26.77 22.11
N PRO B 87 -18.07 26.74 22.61
CA PRO B 87 -18.91 27.94 22.59
C PRO B 87 -18.32 29.09 23.37
N GLU B 88 -17.46 28.81 24.35
CA GLU B 88 -16.75 29.89 25.01
C GLU B 88 -15.80 30.61 24.06
N TYR B 89 -14.91 29.89 23.37
CA TYR B 89 -14.10 30.47 22.31
C TYR B 89 -14.89 30.90 21.10
N LEU B 90 -15.91 30.16 20.70
CA LEU B 90 -16.76 30.61 19.62
C LEU B 90 -17.54 31.84 20.06
N LYS B 91 -17.48 32.88 19.25
CA LYS B 91 -18.21 34.11 19.57
C LYS B 91 -19.13 34.44 18.41
N GLU B 92 -18.84 33.85 17.25
CA GLU B 92 -19.57 34.15 16.03
C GLU B 92 -20.67 33.13 15.74
N ARG B 93 -20.85 32.14 16.62
CA ARG B 93 -22.06 31.33 16.75
C ARG B 93 -22.45 30.58 15.50
N ARG B 94 -21.67 30.69 14.43
CA ARG B 94 -22.05 30.04 13.19
C ARG B 94 -20.88 29.22 12.69
N VAL B 95 -21.08 27.92 12.52
CA VAL B 95 -20.01 26.99 12.22
C VAL B 95 -20.46 26.12 11.07
N TYR B 96 -19.56 25.91 10.11
CA TYR B 96 -19.88 25.12 8.95
C TYR B 96 -18.66 24.29 8.57
N VAL B 97 -18.91 23.16 7.92
CA VAL B 97 -17.83 22.28 7.52
C VAL B 97 -18.05 21.87 6.07
N THR B 98 -16.95 21.82 5.32
CA THR B 98 -17.02 21.69 3.87
C THR B 98 -16.34 20.40 3.45
N LEU B 99 -17.02 19.66 2.58
CA LEU B 99 -16.42 18.63 1.76
C LEU B 99 -16.39 19.08 0.31
N THR B 100 -15.23 18.97 -0.32
CA THR B 100 -15.21 19.19 -1.76
C THR B 100 -14.32 18.17 -2.44
N CYS B 101 -14.76 17.76 -3.63
CA CYS B 101 -13.87 17.06 -4.54
C CYS B 101 -13.23 18.11 -5.42
N ALA B 102 -11.92 18.29 -5.25
CA ALA B 102 -11.31 19.46 -5.84
C ALA B 102 -10.06 19.05 -6.59
N PHE B 103 -9.78 19.75 -7.68
CA PHE B 103 -8.60 19.40 -8.48
C PHE B 103 -7.69 20.60 -8.64
N ARG B 104 -6.46 20.44 -8.18
CA ARG B 104 -5.39 21.36 -8.54
C ARG B 104 -5.36 21.51 -10.05
N TYR B 105 -5.67 22.71 -10.55
CA TYR B 105 -5.43 23.01 -11.94
C TYR B 105 -3.99 22.69 -12.29
N GLY B 106 -3.79 22.00 -13.41
CA GLY B 106 -2.53 21.33 -13.66
C GLY B 106 -1.27 22.16 -13.55
N ARG B 107 -0.52 21.93 -12.47
CA ARG B 107 0.84 22.44 -12.27
C ARG B 107 0.87 23.95 -12.48
N GLU B 108 1.50 24.46 -13.53
CA GLU B 108 1.84 25.87 -13.62
C GLU B 108 0.59 26.71 -13.83
N ASP B 109 0.68 27.96 -13.36
CA ASP B 109 -0.32 28.97 -13.65
C ASP B 109 0.38 30.31 -13.79
N LEU B 110 -0.02 31.08 -14.80
CA LEU B 110 0.78 32.18 -15.31
C LEU B 110 2.16 31.66 -15.70
N ASP B 111 2.16 30.46 -16.27
CA ASP B 111 3.31 29.71 -16.78
C ASP B 111 4.33 29.43 -15.68
N VAL B 112 3.95 29.47 -14.41
CA VAL B 112 4.87 29.21 -13.31
C VAL B 112 4.10 28.50 -12.20
N LEU B 113 4.76 27.56 -11.53
CA LEU B 113 4.09 26.85 -10.45
C LEU B 113 3.87 27.80 -9.28
N GLY B 114 2.75 27.60 -8.60
CA GLY B 114 2.41 28.43 -7.47
C GLY B 114 0.91 28.69 -7.46
N LEU B 115 0.51 29.51 -6.50
CA LEU B 115 -0.90 29.82 -6.26
C LEU B 115 -1.70 28.55 -5.99
N THR B 116 -3.01 28.67 -5.89
CA THR B 116 -3.89 27.52 -5.68
C THR B 116 -5.10 27.66 -6.60
N PHE B 117 -4.97 27.14 -7.82
CA PHE B 117 -6.10 27.09 -8.75
C PHE B 117 -6.94 25.83 -8.59
N ARG B 118 -7.61 25.68 -7.46
CA ARG B 118 -8.46 24.52 -7.24
C ARG B 118 -9.63 24.54 -8.21
N LYS B 119 -9.55 23.70 -9.23
CA LYS B 119 -10.66 23.57 -10.14
C LYS B 119 -11.70 22.65 -9.54
N ASP B 120 -12.73 23.26 -8.97
CA ASP B 120 -13.62 22.60 -8.03
C ASP B 120 -14.58 21.69 -8.79
N LEU B 121 -14.33 20.38 -8.76
CA LEU B 121 -15.27 19.45 -9.38
C LEU B 121 -16.60 19.46 -8.65
N PHE B 122 -16.57 19.48 -7.32
CA PHE B 122 -17.80 19.62 -6.56
C PHE B 122 -17.49 20.11 -5.15
N VAL B 123 -18.36 20.98 -4.67
CA VAL B 123 -18.24 21.57 -3.35
C VAL B 123 -19.57 21.39 -2.63
N ALA B 124 -19.50 21.18 -1.32
CA ALA B 124 -20.70 21.23 -0.48
C ALA B 124 -20.25 21.55 0.93
N ASN B 125 -21.07 22.32 1.62
CA ASN B 125 -20.82 22.64 3.01
C ASN B 125 -22.09 22.43 3.80
N VAL B 126 -21.91 22.18 5.09
CA VAL B 126 -23.01 21.90 5.98
C VAL B 126 -22.96 22.84 7.17
N GLN B 127 -24.12 23.40 7.48
CA GLN B 127 -24.33 24.07 8.75
C GLN B 127 -24.12 23.08 9.89
N SER B 128 -23.27 23.46 10.83
CA SER B 128 -22.96 22.53 11.91
C SER B 128 -23.49 23.05 13.23
N PHE B 129 -23.06 24.25 13.63
CA PHE B 129 -23.47 24.78 14.90
C PHE B 129 -24.04 26.18 14.70
N PRO B 130 -25.33 26.40 14.97
CA PRO B 130 -26.23 25.36 15.47
C PRO B 130 -26.74 24.45 14.37
N PRO B 131 -27.01 23.19 14.70
CA PRO B 131 -27.66 22.31 13.73
C PRO B 131 -29.01 22.86 13.34
N ALA B 132 -29.35 22.71 12.07
CA ALA B 132 -30.57 23.30 11.57
C ALA B 132 -31.78 22.67 12.25
N PRO B 133 -32.79 23.45 12.61
CA PRO B 133 -34.07 22.84 13.00
C PRO B 133 -34.76 22.16 11.83
N GLU B 134 -34.29 22.39 10.60
CA GLU B 134 -34.87 21.78 9.41
C GLU B 134 -34.19 20.48 9.02
N ASP B 135 -32.87 20.51 8.82
CA ASP B 135 -32.16 19.32 8.36
C ASP B 135 -32.11 18.29 9.49
N LYS B 136 -32.75 17.13 9.26
CA LYS B 136 -32.82 16.05 10.24
C LYS B 136 -32.56 14.73 9.54
N LYS B 137 -31.50 14.04 9.94
CA LYS B 137 -31.18 12.70 9.47
C LYS B 137 -30.77 11.86 10.67
N PRO B 138 -31.04 10.56 10.62
CA PRO B 138 -30.67 9.69 11.75
C PRO B 138 -29.17 9.66 11.97
N LEU B 139 -28.79 9.61 13.23
CA LEU B 139 -27.40 9.51 13.63
C LEU B 139 -26.83 8.13 13.30
N THR B 140 -25.55 8.10 13.01
CA THR B 140 -24.91 6.82 12.74
C THR B 140 -24.23 6.29 13.98
N ARG B 141 -23.98 4.98 13.97
CA ARG B 141 -23.42 4.32 15.15
C ARG B 141 -22.09 4.94 15.54
N LEU B 142 -21.22 5.16 14.56
CA LEU B 142 -19.91 5.72 14.85
C LEU B 142 -20.06 7.06 15.54
N GLN B 143 -20.95 7.89 15.00
CA GLN B 143 -21.07 9.26 15.49
C GLN B 143 -21.68 9.29 16.88
N GLU B 144 -22.67 8.44 17.13
CA GLU B 144 -23.22 8.40 18.48
C GLU B 144 -22.19 7.90 19.47
N ARG B 145 -21.37 6.92 19.08
CA ARG B 145 -20.29 6.50 19.95
C ARG B 145 -19.37 7.66 20.27
N LEU B 146 -19.04 8.46 19.24
CA LEU B 146 -18.22 9.62 19.50
C LEU B 146 -18.89 10.57 20.47
N ILE B 147 -20.19 10.86 20.27
CA ILE B 147 -20.88 11.79 21.15
C ILE B 147 -20.84 11.28 22.59
N LYS B 148 -21.13 10.00 22.77
CA LYS B 148 -21.01 9.41 24.10
C LYS B 148 -19.61 9.62 24.66
N LYS B 149 -18.60 9.59 23.80
CA LYS B 149 -17.27 9.95 24.25
C LYS B 149 -17.19 11.43 24.62
N LEU B 150 -18.00 12.26 23.98
CA LEU B 150 -17.81 13.69 24.06
C LEU B 150 -18.94 14.44 24.75
N GLY B 151 -20.17 14.29 24.27
CA GLY B 151 -21.31 14.97 24.87
C GLY B 151 -22.04 15.87 23.88
N GLU B 152 -22.66 16.91 24.43
CA GLU B 152 -23.46 17.81 23.60
C GLU B 152 -22.60 18.83 22.88
N HIS B 153 -21.34 18.98 23.28
CA HIS B 153 -20.46 19.98 22.71
C HIS B 153 -20.02 19.61 21.29
N ALA B 154 -20.27 18.38 20.87
CA ALA B 154 -19.86 17.90 19.56
C ALA B 154 -21.09 17.72 18.67
N TYR B 155 -20.88 17.81 17.36
CA TYR B 155 -21.98 17.95 16.43
C TYR B 155 -21.69 17.17 15.17
N PRO B 156 -22.61 16.35 14.70
CA PRO B 156 -22.28 15.44 13.60
C PRO B 156 -22.50 16.10 12.25
N PHE B 157 -22.05 15.39 11.23
CA PHE B 157 -22.26 15.79 9.85
C PHE B 157 -22.14 14.57 8.96
N THR B 158 -22.90 14.59 7.87
CA THR B 158 -22.99 13.47 6.95
C THR B 158 -22.96 14.01 5.53
N PHE B 159 -22.02 13.52 4.73
CA PHE B 159 -21.85 13.97 3.36
C PHE B 159 -22.17 12.83 2.41
N GLU B 160 -22.92 13.15 1.37
CA GLU B 160 -23.37 12.16 0.40
C GLU B 160 -22.52 12.29 -0.85
N ILE B 161 -21.87 11.20 -1.22
CA ILE B 161 -21.00 11.17 -2.40
C ILE B 161 -21.78 10.54 -3.53
N PRO B 162 -22.18 11.32 -4.54
CA PRO B 162 -22.86 10.72 -5.68
C PRO B 162 -21.90 9.84 -6.46
N PRO B 163 -22.41 8.95 -7.29
CA PRO B 163 -21.55 8.25 -8.24
C PRO B 163 -21.02 9.22 -9.28
N ASN B 164 -20.33 8.67 -10.27
CA ASN B 164 -19.73 9.44 -11.35
C ASN B 164 -18.68 10.42 -10.84
N LEU B 165 -18.04 10.10 -9.80
CA LEU B 165 -17.05 11.01 -9.25
C LEU B 165 -15.67 10.37 -9.35
N PRO B 166 -14.63 11.16 -9.55
CA PRO B 166 -13.31 10.60 -9.81
C PRO B 166 -12.77 9.88 -8.60
N CYS B 167 -11.98 8.85 -8.85
CA CYS B 167 -11.23 8.28 -7.75
C CYS B 167 -10.08 9.21 -7.38
N SER B 168 -9.70 9.15 -6.12
CA SER B 168 -8.62 9.99 -5.62
C SER B 168 -7.31 9.56 -6.27
N VAL B 169 -6.83 10.35 -7.21
CA VAL B 169 -5.61 10.05 -7.95
C VAL B 169 -4.74 11.28 -7.92
N THR B 170 -3.47 11.11 -8.26
CA THR B 170 -2.55 12.22 -8.32
C THR B 170 -1.51 11.98 -9.41
N LEU B 171 -1.12 13.04 -10.10
CA LEU B 171 -0.18 12.90 -11.20
C LEU B 171 1.24 12.90 -10.66
N GLN B 172 2.09 12.05 -11.22
CA GLN B 172 3.43 11.92 -10.68
C GLN B 172 4.15 13.24 -10.79
N PRO B 173 4.48 13.88 -9.68
CA PRO B 173 5.19 15.16 -9.74
C PRO B 173 6.59 14.97 -10.26
N GLY B 174 7.09 16.03 -10.87
CA GLY B 174 8.45 16.02 -11.36
C GLY B 174 9.43 16.10 -10.22
N PRO B 175 10.71 15.88 -10.56
CA PRO B 175 11.74 15.82 -9.52
C PRO B 175 11.87 17.08 -8.69
N GLU B 176 11.60 18.24 -9.27
CA GLU B 176 11.79 19.49 -8.52
C GLU B 176 10.46 20.14 -8.19
N ASP B 177 9.42 19.34 -7.95
CA ASP B 177 8.10 19.83 -7.62
C ASP B 177 7.96 19.92 -6.10
N THR B 178 8.33 21.07 -5.54
CA THR B 178 8.16 21.30 -4.11
C THR B 178 6.79 21.83 -3.74
N GLY B 179 5.95 22.16 -4.71
CA GLY B 179 4.58 22.54 -4.42
C GLY B 179 3.73 21.33 -4.14
N LYS B 180 2.44 21.58 -3.93
CA LYS B 180 1.52 20.50 -3.67
C LYS B 180 1.41 19.59 -4.88
N ALA B 181 1.43 18.28 -4.63
CA ALA B 181 1.34 17.31 -5.71
C ALA B 181 0.00 17.46 -6.41
N CYS B 182 0.03 18.02 -7.61
CA CYS B 182 -1.18 18.33 -8.36
C CYS B 182 -1.99 17.07 -8.64
N GLY B 183 -3.29 17.16 -8.42
CA GLY B 183 -4.12 16.00 -8.60
C GLY B 183 -5.55 16.09 -8.10
N VAL B 184 -6.19 14.93 -7.97
CA VAL B 184 -7.61 14.82 -7.65
C VAL B 184 -7.74 14.17 -6.27
N ASP B 185 -8.43 14.86 -5.36
CA ASP B 185 -8.60 14.40 -4.00
C ASP B 185 -9.77 15.12 -3.35
N TYR B 186 -10.26 14.58 -2.24
CA TYR B 186 -11.35 15.25 -1.55
C TYR B 186 -10.84 15.86 -0.25
N GLU B 187 -11.53 16.90 0.21
CA GLU B 187 -11.02 17.69 1.31
C GLU B 187 -12.15 18.03 2.25
N VAL B 188 -11.91 17.82 3.55
CA VAL B 188 -12.81 18.23 4.61
C VAL B 188 -12.14 19.36 5.37
N LYS B 189 -12.82 20.50 5.43
CA LYS B 189 -12.31 21.67 6.12
C LYS B 189 -13.38 22.20 7.05
N ALA B 190 -13.01 22.47 8.29
CA ALA B 190 -13.91 23.07 9.25
C ALA B 190 -13.47 24.51 9.50
N PHE B 191 -14.40 25.33 9.96
CA PHE B 191 -14.11 26.73 10.23
C PHE B 191 -15.24 27.29 11.06
N CYS B 192 -14.98 28.43 11.69
CA CYS B 192 -15.98 29.15 12.47
C CYS B 192 -16.24 30.50 11.81
N ALA B 193 -17.30 30.58 11.02
CA ALA B 193 -17.55 31.79 10.25
C ALA B 193 -19.02 32.17 10.34
N GLU B 194 -19.27 33.47 10.27
CA GLU B 194 -20.64 33.95 10.16
C GLU B 194 -21.32 33.35 8.95
N ASN B 195 -20.69 33.46 7.78
CA ASN B 195 -21.30 33.01 6.55
C ASN B 195 -20.21 32.43 5.67
N LEU B 196 -20.63 31.73 4.62
CA LEU B 196 -19.66 31.21 3.66
C LEU B 196 -18.99 32.32 2.87
N GLU B 197 -19.67 33.44 2.65
CA GLU B 197 -19.04 34.58 2.02
C GLU B 197 -17.79 35.01 2.76
N GLU B 198 -17.78 34.83 4.08
CA GLU B 198 -16.70 35.35 4.89
C GLU B 198 -15.38 34.79 4.41
N LYS B 199 -14.40 35.67 4.29
CA LYS B 199 -13.06 35.25 3.95
C LYS B 199 -12.53 34.38 5.08
N ILE B 200 -12.55 33.06 4.87
CA ILE B 200 -12.26 32.13 5.94
C ILE B 200 -10.80 32.29 6.36
N HIS B 201 -10.59 32.73 7.60
CA HIS B 201 -9.24 32.81 8.13
C HIS B 201 -8.66 31.41 8.26
N LYS B 202 -7.41 31.25 7.85
CA LYS B 202 -6.75 29.97 8.04
C LYS B 202 -6.69 29.62 9.52
N ARG B 203 -6.45 30.62 10.37
CA ARG B 203 -6.54 30.38 11.81
C ARG B 203 -7.94 29.94 12.21
N ASN B 204 -8.97 30.55 11.63
CA ASN B 204 -10.35 30.22 11.94
C ASN B 204 -10.78 28.89 11.36
N SER B 205 -9.84 28.12 10.78
CA SER B 205 -10.20 26.94 10.03
C SER B 205 -9.16 25.85 10.24
N VAL B 206 -9.60 24.61 10.03
CA VAL B 206 -8.76 23.42 10.08
C VAL B 206 -9.05 22.60 8.83
N ARG B 207 -8.09 21.83 8.37
CA ARG B 207 -8.25 21.06 7.14
C ARG B 207 -7.72 19.64 7.29
N LEU B 208 -8.22 18.76 6.44
CA LEU B 208 -7.79 17.37 6.39
C LEU B 208 -8.23 16.81 5.04
N VAL B 209 -7.47 15.87 4.50
CA VAL B 209 -7.74 15.36 3.17
C VAL B 209 -8.18 13.91 3.25
N ILE B 210 -9.00 13.49 2.30
CA ILE B 210 -9.48 12.13 2.23
C ILE B 210 -9.47 11.64 0.79
N ARG B 211 -9.47 10.32 0.67
CA ARG B 211 -9.21 9.61 -0.57
C ARG B 211 -10.34 8.64 -0.84
N LYS B 212 -10.71 8.48 -2.10
CA LYS B 212 -11.69 7.49 -2.49
C LYS B 212 -10.94 6.31 -3.07
N VAL B 213 -11.44 5.10 -2.81
CA VAL B 213 -10.77 3.88 -3.24
C VAL B 213 -11.79 2.92 -3.83
N GLN B 214 -11.29 2.03 -4.68
CA GLN B 214 -12.07 0.99 -5.31
C GLN B 214 -11.36 -0.34 -5.15
N TYR B 215 -12.12 -1.43 -5.12
CA TYR B 215 -11.57 -2.75 -4.89
C TYR B 215 -12.14 -3.74 -5.89
N ALA B 216 -11.35 -4.78 -6.15
CA ALA B 216 -11.66 -5.69 -7.25
C ALA B 216 -13.00 -6.38 -7.02
N PRO B 217 -13.86 -6.43 -8.03
CA PRO B 217 -15.07 -7.24 -7.91
C PRO B 217 -14.68 -8.70 -7.69
N GLU B 218 -15.44 -9.37 -6.83
CA GLU B 218 -15.06 -10.71 -6.42
C GLU B 218 -14.97 -11.64 -7.62
N ARG B 219 -15.92 -11.56 -8.54
CA ARG B 219 -15.87 -12.39 -9.71
C ARG B 219 -14.81 -11.87 -10.64
N PRO B 220 -13.77 -12.65 -10.92
CA PRO B 220 -12.77 -12.21 -11.91
C PRO B 220 -13.41 -12.10 -13.27
N GLY B 221 -12.91 -11.17 -14.07
CA GLY B 221 -13.43 -10.97 -15.39
C GLY B 221 -12.95 -12.02 -16.35
N PRO B 222 -13.75 -12.27 -17.39
CA PRO B 222 -13.35 -13.22 -18.41
C PRO B 222 -12.09 -12.74 -19.10
N GLN B 223 -11.32 -13.68 -19.59
CA GLN B 223 -10.06 -13.38 -20.23
C GLN B 223 -10.28 -12.42 -21.40
N PRO B 224 -9.65 -11.25 -21.39
CA PRO B 224 -9.70 -10.38 -22.57
C PRO B 224 -8.66 -10.82 -23.59
N THR B 225 -9.06 -10.95 -24.85
CA THR B 225 -8.20 -11.42 -25.91
C THR B 225 -8.35 -10.52 -27.13
N ALA B 226 -7.36 -10.58 -28.02
CA ALA B 226 -7.48 -9.81 -29.26
C ALA B 226 -6.64 -10.48 -30.33
N GLU B 227 -7.23 -10.64 -31.52
CA GLU B 227 -6.55 -11.27 -32.63
C GLU B 227 -6.69 -10.40 -33.87
N THR B 228 -5.64 -10.40 -34.69
CA THR B 228 -5.63 -9.63 -35.92
C THR B 228 -5.08 -10.50 -37.04
N THR B 229 -5.27 -10.02 -38.27
CA THR B 229 -4.67 -10.64 -39.44
C THR B 229 -4.34 -9.53 -40.43
N ARG B 230 -3.06 -9.17 -40.49
CA ARG B 230 -2.61 -8.07 -41.32
C ARG B 230 -2.24 -8.60 -42.70
N GLN B 231 -2.91 -8.09 -43.73
CA GLN B 231 -2.60 -8.40 -45.11
C GLN B 231 -1.46 -7.52 -45.57
N PHE B 232 -0.76 -7.96 -46.60
CA PHE B 232 0.25 -7.14 -47.23
C PHE B 232 0.10 -7.16 -48.74
N LEU B 233 0.38 -6.03 -49.37
CA LEU B 233 0.33 -5.96 -50.82
C LEU B 233 1.36 -6.90 -51.44
N MET B 234 2.48 -7.08 -50.74
CA MET B 234 3.54 -7.97 -51.22
C MET B 234 3.38 -9.41 -50.75
N SER B 235 2.45 -9.64 -49.82
CA SER B 235 2.24 -10.99 -49.29
C SER B 235 0.99 -11.63 -49.86
N ASP B 236 1.14 -12.80 -50.45
CA ASP B 236 -0.01 -13.50 -51.01
C ASP B 236 -1.00 -13.81 -49.90
N LYS B 237 -0.51 -14.33 -48.78
CA LYS B 237 -1.38 -14.60 -47.64
C LYS B 237 -1.01 -13.66 -46.50
N PRO B 238 -1.98 -13.35 -45.64
CA PRO B 238 -1.68 -12.36 -44.60
C PRO B 238 -1.01 -12.97 -43.37
N LEU B 239 -0.22 -12.13 -42.69
CA LEU B 239 0.24 -12.39 -41.35
C LEU B 239 -0.96 -12.52 -40.42
N HIS B 240 -0.89 -13.41 -39.44
CA HIS B 240 -1.94 -13.51 -38.44
C HIS B 240 -1.35 -13.48 -37.05
N LEU B 241 -1.97 -12.71 -36.17
CA LEU B 241 -1.51 -12.50 -34.80
C LEU B 241 -2.65 -12.81 -33.85
N GLU B 242 -2.31 -13.34 -32.69
CA GLU B 242 -3.24 -13.59 -31.61
C GLU B 242 -2.54 -13.26 -30.30
N ALA B 243 -3.24 -12.56 -29.41
CA ALA B 243 -2.69 -12.25 -28.10
C ALA B 243 -3.79 -12.42 -27.07
N SER B 244 -3.39 -12.84 -25.88
CA SER B 244 -4.33 -13.11 -24.81
C SER B 244 -3.61 -13.00 -23.48
N LEU B 245 -4.39 -12.87 -22.42
CA LEU B 245 -3.83 -12.78 -21.08
C LEU B 245 -4.36 -13.92 -20.21
N ASP B 246 -3.64 -14.17 -19.12
CA ASP B 246 -4.05 -15.27 -18.25
C ASP B 246 -5.41 -15.04 -17.63
N LYS B 247 -5.69 -13.82 -17.17
CA LYS B 247 -6.98 -13.50 -16.59
C LYS B 247 -7.30 -12.06 -16.93
N GLU B 248 -8.38 -11.55 -16.35
CA GLU B 248 -8.73 -10.16 -16.56
C GLU B 248 -8.41 -9.28 -15.37
N ILE B 249 -8.67 -9.77 -14.16
CA ILE B 249 -8.42 -9.01 -12.95
C ILE B 249 -6.97 -9.22 -12.56
N TYR B 250 -6.36 -8.21 -11.96
CA TYR B 250 -4.97 -8.28 -11.57
C TYR B 250 -4.73 -7.40 -10.35
N TYR B 251 -3.65 -7.71 -9.64
CA TYR B 251 -3.25 -6.93 -8.49
C TYR B 251 -1.91 -6.27 -8.77
N HIS B 252 -1.73 -5.08 -8.21
CA HIS B 252 -0.49 -4.36 -8.45
C HIS B 252 0.64 -5.19 -7.86
N GLY B 253 1.79 -5.16 -8.52
CA GLY B 253 2.92 -5.89 -7.99
C GLY B 253 2.94 -7.36 -8.32
N GLU B 254 1.82 -7.90 -8.80
CA GLU B 254 1.95 -9.27 -9.29
C GLU B 254 2.02 -9.30 -10.80
N PRO B 255 2.84 -10.18 -11.34
CA PRO B 255 3.09 -10.18 -12.78
C PRO B 255 1.87 -10.55 -13.58
N ILE B 256 1.79 -10.01 -14.79
CA ILE B 256 0.74 -10.35 -15.74
C ILE B 256 1.37 -11.18 -16.84
N SER B 257 0.67 -12.22 -17.27
CA SER B 257 1.20 -13.15 -18.25
C SER B 257 0.37 -13.08 -19.53
N VAL B 258 1.05 -12.81 -20.64
CA VAL B 258 0.43 -12.73 -21.95
C VAL B 258 0.92 -13.92 -22.76
N ASN B 259 0.00 -14.60 -23.41
CA ASN B 259 0.37 -15.51 -24.47
C ASN B 259 0.18 -14.82 -25.81
N VAL B 260 1.04 -15.14 -26.75
CA VAL B 260 0.91 -14.66 -28.12
C VAL B 260 1.17 -15.83 -29.05
N HIS B 261 0.38 -15.90 -30.11
CA HIS B 261 0.64 -16.84 -31.19
C HIS B 261 0.69 -16.05 -32.50
N VAL B 262 1.54 -16.50 -33.41
CA VAL B 262 1.80 -15.83 -34.67
C VAL B 262 1.80 -16.88 -35.75
N THR B 263 1.17 -16.58 -36.87
CA THR B 263 1.37 -17.34 -38.10
C THR B 263 1.98 -16.35 -39.08
N ASN B 264 3.24 -16.60 -39.44
CA ASN B 264 4.01 -15.75 -40.35
C ASN B 264 4.31 -16.58 -41.58
N ASN B 265 3.34 -16.64 -42.48
CA ASN B 265 3.49 -17.42 -43.69
C ASN B 265 3.53 -16.53 -44.93
N THR B 266 3.86 -15.26 -44.75
CA THR B 266 3.98 -14.29 -45.82
C THR B 266 5.31 -14.46 -46.53
N ASN B 267 5.67 -13.45 -47.32
CA ASN B 267 7.03 -13.34 -47.82
C ASN B 267 7.95 -12.64 -46.82
N LYS B 268 7.40 -12.11 -45.73
CA LYS B 268 8.16 -11.29 -44.80
C LYS B 268 8.23 -11.96 -43.43
N THR B 269 9.12 -11.45 -42.59
CA THR B 269 9.39 -12.04 -41.29
C THR B 269 8.87 -11.13 -40.19
N VAL B 270 8.70 -11.69 -39.00
CA VAL B 270 8.49 -10.89 -37.80
C VAL B 270 9.84 -10.76 -37.12
N LYS B 271 10.47 -9.61 -37.27
CA LYS B 271 11.82 -9.41 -36.77
C LYS B 271 11.87 -9.32 -35.26
N LYS B 272 11.27 -8.30 -34.67
CA LYS B 272 11.37 -8.11 -33.24
C LYS B 272 9.97 -7.87 -32.69
N ILE B 273 9.80 -8.12 -31.41
CA ILE B 273 8.51 -8.04 -30.77
C ILE B 273 8.63 -7.24 -29.47
N LYS B 274 7.74 -6.28 -29.30
CA LYS B 274 7.84 -5.31 -28.23
C LYS B 274 6.58 -5.45 -27.39
N ILE B 275 6.71 -5.41 -26.07
CA ILE B 275 5.59 -5.59 -25.17
C ILE B 275 5.46 -4.34 -24.31
N SER B 276 4.30 -3.71 -24.39
CA SER B 276 4.10 -2.43 -23.71
C SER B 276 2.82 -2.46 -22.91
N VAL B 277 2.96 -2.50 -21.59
CA VAL B 277 1.84 -2.19 -20.71
C VAL B 277 1.80 -0.68 -20.58
N ARG B 278 0.68 -0.11 -20.95
CA ARG B 278 0.52 1.32 -21.10
C ARG B 278 -0.68 1.79 -20.30
N GLN B 279 -0.59 3.03 -19.85
CA GLN B 279 -1.53 3.63 -18.92
C GLN B 279 -2.38 4.64 -19.68
N TYR B 280 -3.58 4.23 -20.06
CA TYR B 280 -4.52 5.13 -20.72
C TYR B 280 -5.15 5.98 -19.65
N ALA B 281 -4.62 7.18 -19.47
CA ALA B 281 -5.12 8.17 -18.54
C ALA B 281 -5.79 9.27 -19.32
N ASP B 282 -7.10 9.43 -19.11
CA ASP B 282 -7.89 10.42 -19.82
C ASP B 282 -8.39 11.47 -18.84
N ILE B 283 -8.33 12.73 -19.25
CA ILE B 283 -8.66 13.86 -18.41
C ILE B 283 -9.69 14.71 -19.14
N CYS B 284 -10.54 15.39 -18.37
CA CYS B 284 -11.62 16.18 -18.93
C CYS B 284 -11.64 17.59 -18.33
N LEU B 285 -10.47 18.20 -18.21
CA LEU B 285 -10.38 19.51 -17.56
C LEU B 285 -11.18 20.55 -18.34
N PHE B 286 -11.09 20.52 -19.66
CA PHE B 286 -12.02 21.23 -20.52
C PHE B 286 -12.64 20.31 -21.55
N ASN B 287 -11.89 19.27 -21.92
CA ASN B 287 -12.36 18.23 -22.82
C ASN B 287 -11.49 17.01 -22.65
N THR B 288 -11.76 15.96 -23.41
CA THR B 288 -10.99 14.73 -23.30
C THR B 288 -9.53 14.96 -23.69
N ALA B 289 -8.64 14.15 -23.12
CA ALA B 289 -7.24 14.14 -23.49
C ALA B 289 -6.66 12.79 -23.11
N GLN B 290 -6.34 11.97 -24.11
CA GLN B 290 -5.89 10.60 -23.88
C GLN B 290 -4.37 10.57 -23.67
N TYR B 291 -3.92 11.34 -22.69
CA TYR B 291 -2.51 11.41 -22.38
C TYR B 291 -2.05 10.07 -21.82
N LYS B 292 -1.11 9.45 -22.52
CA LYS B 292 -0.70 8.07 -22.26
C LYS B 292 0.80 7.99 -22.00
N CYS B 293 1.20 7.05 -21.16
CA CYS B 293 2.60 6.80 -20.86
C CYS B 293 2.82 5.31 -20.65
N PRO B 294 3.83 4.75 -21.29
CA PRO B 294 4.17 3.34 -21.03
C PRO B 294 4.63 3.15 -19.60
N VAL B 295 4.29 2.00 -19.03
CA VAL B 295 4.70 1.63 -17.68
C VAL B 295 5.60 0.41 -17.68
N ALA B 296 5.30 -0.57 -18.53
CA ALA B 296 6.08 -1.80 -18.51
C ALA B 296 6.53 -2.15 -19.92
N MET B 297 7.82 -2.32 -20.09
CA MET B 297 8.42 -2.33 -21.41
C MET B 297 9.33 -3.55 -21.49
N GLU B 298 8.99 -4.48 -22.36
CA GLU B 298 9.78 -5.70 -22.52
C GLU B 298 10.10 -5.92 -23.99
N GLU B 299 11.30 -6.40 -24.26
CA GLU B 299 11.83 -6.49 -25.61
C GLU B 299 12.15 -7.95 -25.91
N ALA B 300 11.87 -8.40 -27.13
CA ALA B 300 12.32 -9.73 -27.53
C ALA B 300 12.72 -9.73 -29.00
N ASP B 301 13.83 -10.39 -29.28
CA ASP B 301 14.32 -10.51 -30.65
C ASP B 301 13.82 -11.81 -31.25
N ASP B 302 12.66 -12.27 -30.78
CA ASP B 302 12.13 -13.53 -31.26
C ASP B 302 11.72 -13.38 -32.72
N THR B 303 12.56 -13.90 -33.62
CA THR B 303 12.36 -13.77 -35.04
C THR B 303 11.37 -14.80 -35.54
N VAL B 304 10.31 -14.33 -36.17
CA VAL B 304 9.32 -15.22 -36.78
C VAL B 304 9.42 -15.03 -38.27
N ALA B 305 9.98 -16.03 -38.95
CA ALA B 305 10.29 -15.96 -40.36
C ALA B 305 9.02 -16.14 -41.19
N PRO B 306 9.08 -15.83 -42.48
CA PRO B 306 8.02 -16.27 -43.39
C PRO B 306 7.88 -17.78 -43.32
N SER B 307 6.64 -18.26 -43.45
CA SER B 307 6.33 -19.69 -43.37
C SER B 307 6.78 -20.26 -42.03
N SER B 308 6.14 -19.77 -40.96
CA SER B 308 6.53 -20.15 -39.61
C SER B 308 5.38 -19.91 -38.65
N THR B 309 5.47 -20.54 -37.49
CA THR B 309 4.52 -20.36 -36.40
C THR B 309 5.26 -19.90 -35.15
N PHE B 310 4.51 -19.37 -34.20
CA PHE B 310 5.11 -18.88 -32.97
C PHE B 310 4.06 -18.84 -31.87
N CYS B 311 4.49 -19.08 -30.64
CA CYS B 311 3.59 -18.93 -29.50
C CYS B 311 4.45 -18.89 -28.25
N LYS B 312 4.30 -17.83 -27.47
CA LYS B 312 5.16 -17.67 -26.30
C LYS B 312 4.46 -16.85 -25.23
N VAL B 313 4.95 -17.00 -24.00
CA VAL B 313 4.37 -16.38 -22.83
C VAL B 313 5.36 -15.37 -22.28
N TYR B 314 4.86 -14.21 -21.87
CA TYR B 314 5.66 -13.17 -21.28
C TYR B 314 5.00 -12.67 -20.00
N THR B 315 5.82 -12.08 -19.13
CA THR B 315 5.35 -11.56 -17.85
C THR B 315 5.82 -10.13 -17.69
N LEU B 316 4.92 -9.26 -17.28
CA LEU B 316 5.24 -7.86 -17.05
C LEU B 316 4.74 -7.42 -15.69
N THR B 317 5.44 -6.46 -15.09
CA THR B 317 5.22 -6.09 -13.69
C THR B 317 5.36 -4.60 -13.51
N PRO B 318 4.26 -3.87 -13.41
CA PRO B 318 4.36 -2.43 -13.22
C PRO B 318 4.86 -2.14 -11.81
N PHE B 319 5.58 -1.04 -11.66
CA PHE B 319 5.94 -0.54 -10.34
C PHE B 319 6.49 0.87 -10.47
N LEU B 320 6.68 1.53 -9.33
CA LEU B 320 7.07 2.93 -9.32
C LEU B 320 8.50 3.16 -9.75
N ALA B 321 9.44 2.34 -9.27
CA ALA B 321 10.85 2.69 -9.38
C ALA B 321 11.28 2.89 -10.82
N ASN B 322 10.98 1.94 -11.71
CA ASN B 322 11.34 2.03 -13.10
C ASN B 322 10.75 3.25 -13.78
N ASN B 323 9.57 3.67 -13.36
CA ASN B 323 8.92 4.80 -13.98
C ASN B 323 9.05 6.06 -13.13
N ARG B 324 9.93 6.04 -12.13
CA ARG B 324 10.16 7.21 -11.30
C ARG B 324 10.45 8.46 -12.13
N GLU B 325 11.36 8.37 -13.08
CA GLU B 325 11.76 9.54 -13.85
C GLU B 325 10.73 9.96 -14.88
N LYS B 326 9.69 9.16 -15.13
CA LYS B 326 8.64 9.58 -16.04
C LYS B 326 7.70 10.52 -15.28
N ARG B 327 8.03 11.80 -15.35
CA ARG B 327 7.15 12.82 -14.78
C ARG B 327 5.80 12.77 -15.48
N GLY B 328 4.74 12.94 -14.71
CA GLY B 328 3.40 12.99 -15.25
C GLY B 328 2.65 11.68 -15.20
N LEU B 329 3.20 10.66 -14.55
CA LEU B 329 2.48 9.41 -14.40
C LEU B 329 1.36 9.57 -13.38
N ALA B 330 0.40 8.66 -13.42
CA ALA B 330 -0.73 8.76 -12.50
C ALA B 330 -0.65 7.67 -11.44
N LEU B 331 -0.82 8.07 -10.19
CA LEU B 331 -0.81 7.19 -9.05
C LEU B 331 -2.14 7.36 -8.32
N ASP B 332 -2.42 6.47 -7.37
CA ASP B 332 -3.66 6.62 -6.60
C ASP B 332 -3.54 7.73 -5.59
N GLY B 333 -4.48 7.72 -4.65
CA GLY B 333 -4.58 8.70 -3.61
C GLY B 333 -3.26 9.09 -2.99
N LYS B 334 -3.20 10.34 -2.54
CA LYS B 334 -1.97 10.94 -2.11
C LYS B 334 -2.25 11.74 -0.85
N LEU B 335 -1.67 11.32 0.28
CA LEU B 335 -2.11 11.90 1.54
C LEU B 335 -1.47 13.25 1.79
N LYS B 336 -0.17 13.28 2.08
CA LYS B 336 0.51 14.57 2.19
C LYS B 336 1.72 14.65 1.28
N HIS B 337 2.67 13.74 1.50
CA HIS B 337 3.88 13.68 0.70
C HIS B 337 4.34 12.25 0.50
N GLU B 338 3.60 11.25 0.97
CA GLU B 338 4.12 9.90 1.13
C GLU B 338 4.28 9.19 -0.20
N ASP B 339 5.12 8.17 -0.20
CA ASP B 339 5.22 7.28 -1.34
C ASP B 339 3.92 6.49 -1.46
N THR B 340 3.45 6.30 -2.67
CA THR B 340 2.18 5.63 -2.90
C THR B 340 2.39 4.44 -3.81
N ASN B 341 1.28 3.89 -4.30
CA ASN B 341 1.31 2.84 -5.30
C ASN B 341 0.88 3.39 -6.65
N LEU B 342 1.01 2.57 -7.67
CA LEU B 342 0.60 2.99 -9.01
C LEU B 342 -0.91 3.03 -9.10
N ALA B 343 -1.42 3.93 -9.94
CA ALA B 343 -2.84 4.20 -10.05
C ALA B 343 -3.63 2.91 -10.25
N SER B 344 -4.73 2.79 -9.53
CA SER B 344 -5.54 1.59 -9.68
C SER B 344 -6.37 1.66 -10.94
N SER B 345 -6.88 0.50 -11.35
CA SER B 345 -7.73 0.43 -12.53
C SER B 345 -9.04 1.12 -12.25
N THR B 346 -9.12 2.39 -12.64
CA THR B 346 -10.34 3.15 -12.40
C THR B 346 -11.53 2.49 -13.07
N LEU B 347 -12.61 2.35 -12.33
CA LEU B 347 -13.82 1.73 -12.84
C LEU B 347 -14.73 2.79 -13.41
N LEU B 348 -15.15 2.58 -14.64
CA LEU B 348 -16.22 3.36 -15.26
C LEU B 348 -17.51 2.56 -15.15
N ARG B 349 -18.54 3.17 -14.58
CA ARG B 349 -19.81 2.48 -14.46
C ARG B 349 -20.37 2.16 -15.84
N GLU B 350 -20.92 0.97 -15.99
CA GLU B 350 -21.55 0.60 -17.25
C GLU B 350 -22.70 1.55 -17.57
N GLY B 351 -23.51 1.88 -16.55
CA GLY B 351 -24.65 2.75 -16.80
C GLY B 351 -24.29 4.22 -16.88
N ALA B 352 -23.05 4.56 -16.55
CA ALA B 352 -22.63 5.96 -16.60
C ALA B 352 -22.58 6.44 -18.05
N ASN B 353 -22.63 7.76 -18.22
CA ASN B 353 -22.57 8.32 -19.57
C ASN B 353 -21.15 8.68 -19.98
N ARG B 354 -20.15 8.30 -19.18
CA ARG B 354 -18.74 8.55 -19.49
C ARG B 354 -18.44 10.03 -19.67
N GLU B 355 -19.14 10.88 -18.94
CA GLU B 355 -18.98 12.33 -19.08
C GLU B 355 -18.39 12.97 -17.85
N ILE B 356 -17.75 12.18 -16.98
CA ILE B 356 -17.18 12.73 -15.76
C ILE B 356 -16.04 13.66 -16.10
N LEU B 357 -16.02 14.82 -15.47
CA LEU B 357 -14.95 15.79 -15.68
C LEU B 357 -13.84 15.48 -14.68
N GLY B 358 -13.37 14.24 -14.74
CA GLY B 358 -12.40 13.81 -13.74
C GLY B 358 -11.22 13.12 -14.40
N ILE B 359 -10.80 12.04 -13.76
CA ILE B 359 -9.63 11.30 -14.24
C ILE B 359 -10.01 9.85 -14.45
N ILE B 360 -9.70 9.32 -15.62
CA ILE B 360 -10.04 7.94 -15.96
C ILE B 360 -8.74 7.19 -16.20
N VAL B 361 -8.54 6.11 -15.46
CA VAL B 361 -7.32 5.33 -15.54
C VAL B 361 -7.65 3.92 -15.97
N SER B 362 -7.14 3.53 -17.13
CA SER B 362 -7.34 2.19 -17.66
C SER B 362 -6.01 1.68 -18.18
N TYR B 363 -5.89 0.37 -18.31
CA TYR B 363 -4.61 -0.26 -18.60
C TYR B 363 -4.70 -1.18 -19.81
N LYS B 364 -3.70 -1.10 -20.68
CA LYS B 364 -3.73 -1.86 -21.91
C LYS B 364 -2.34 -2.35 -22.30
N VAL B 365 -2.26 -3.59 -22.76
CA VAL B 365 -1.00 -4.17 -23.23
C VAL B 365 -1.01 -4.15 -24.74
N LYS B 366 0.13 -3.85 -25.34
CA LYS B 366 0.27 -3.86 -26.78
C LYS B 366 1.48 -4.68 -27.19
N VAL B 367 1.27 -5.52 -28.20
CA VAL B 367 2.32 -6.31 -28.81
C VAL B 367 2.67 -5.66 -30.14
N LYS B 368 3.96 -5.44 -30.35
CA LYS B 368 4.44 -4.75 -31.53
C LYS B 368 5.31 -5.72 -32.33
N LEU B 369 4.87 -6.05 -33.53
CA LEU B 369 5.64 -6.90 -34.43
C LEU B 369 6.32 -6.03 -35.47
N VAL B 370 7.63 -6.16 -35.56
CA VAL B 370 8.46 -5.53 -36.58
C VAL B 370 8.60 -6.51 -37.72
N VAL B 371 8.57 -6.00 -38.95
CA VAL B 371 8.58 -6.82 -40.14
C VAL B 371 9.77 -6.40 -41.00
N SER B 372 10.28 -7.34 -41.79
CA SER B 372 11.35 -7.04 -42.74
C SER B 372 10.93 -5.90 -43.65
N ARG B 373 11.83 -4.93 -43.80
CA ARG B 373 11.50 -3.70 -44.51
C ARG B 373 12.23 -3.59 -45.85
N ALA B 381 6.37 1.79 -45.98
CA ALA B 381 5.27 0.94 -45.53
C ALA B 381 5.25 0.83 -44.01
N SER B 382 4.05 0.92 -43.44
CA SER B 382 3.86 0.65 -42.02
C SER B 382 3.33 -0.76 -41.82
N SER B 383 4.14 -1.74 -42.22
CA SER B 383 3.76 -3.14 -42.13
C SER B 383 3.79 -3.64 -40.68
N ASP B 384 4.61 -3.05 -39.83
CA ASP B 384 4.67 -3.46 -38.43
C ASP B 384 3.30 -3.28 -37.78
N VAL B 385 2.92 -4.24 -36.95
CA VAL B 385 1.54 -4.26 -36.46
C VAL B 385 1.55 -4.31 -34.94
N ALA B 386 0.71 -3.49 -34.31
CA ALA B 386 0.52 -3.52 -32.87
C ALA B 386 -0.89 -3.99 -32.56
N VAL B 387 -0.97 -4.91 -31.60
CA VAL B 387 -2.26 -5.42 -31.15
C VAL B 387 -2.45 -5.04 -29.68
N GLU B 388 -3.66 -4.57 -29.39
CA GLU B 388 -4.03 -3.95 -28.13
C GLU B 388 -5.00 -4.81 -27.35
N LEU B 389 -4.79 -4.88 -26.04
CA LEU B 389 -5.59 -5.73 -25.15
C LEU B 389 -5.80 -4.99 -23.85
N PRO B 390 -7.03 -4.59 -23.52
CA PRO B 390 -7.27 -3.93 -22.24
C PRO B 390 -7.32 -4.95 -21.11
N PHE B 391 -7.10 -4.47 -19.90
CA PHE B 391 -7.22 -5.29 -18.71
C PHE B 391 -7.30 -4.39 -17.49
N THR B 392 -7.59 -5.00 -16.35
CA THR B 392 -7.78 -4.28 -15.10
C THR B 392 -6.64 -4.57 -14.15
N LEU B 393 -6.13 -3.52 -13.51
CA LEU B 393 -5.06 -3.61 -12.53
C LEU B 393 -5.40 -2.73 -11.35
N MET B 394 -5.82 -3.34 -10.25
CA MET B 394 -6.30 -2.53 -9.14
C MET B 394 -6.31 -3.37 -7.87
N HIS B 395 -6.53 -2.70 -6.75
CA HIS B 395 -6.39 -3.23 -5.39
C HIS B 395 -7.03 -4.59 -5.19
N PRO B 396 -6.47 -5.42 -4.32
CA PRO B 396 -7.21 -6.59 -3.84
C PRO B 396 -8.29 -6.17 -2.87
N LYS B 397 -8.96 -7.15 -2.28
CA LYS B 397 -10.09 -6.87 -1.42
C LYS B 397 -9.66 -6.01 -0.24
N PRO B 398 -10.47 -5.06 0.19
CA PRO B 398 -10.05 -4.16 1.26
C PRO B 398 -10.15 -4.83 2.61
N LYS B 399 -9.21 -4.51 3.50
CA LYS B 399 -9.37 -4.96 4.87
C LYS B 399 -9.15 -3.87 5.92
N GLU B 400 -8.17 -2.98 5.72
CA GLU B 400 -7.80 -2.07 6.80
C GLU B 400 -7.27 -0.75 6.23
N GLU B 401 -6.63 0.03 7.12
CA GLU B 401 -6.09 1.36 6.82
C GLU B 401 -4.71 1.24 6.18
N PRO B 402 -4.17 2.34 5.63
CA PRO B 402 -2.84 2.31 4.99
C PRO B 402 -1.72 2.65 5.94
N PRO B 403 -1.22 1.73 6.74
CA PRO B 403 -0.10 2.12 7.62
C PRO B 403 1.17 2.30 6.80
N HIS B 404 1.21 3.36 6.01
CA HIS B 404 2.33 3.58 5.11
C HIS B 404 3.62 3.73 5.90
N ARG B 405 4.68 3.11 5.40
CA ARG B 405 5.95 3.05 6.11
C ARG B 405 6.78 4.28 5.80
N GLU B 406 7.26 4.93 6.86
CA GLU B 406 8.10 6.11 6.72
C GLU B 406 8.85 6.32 8.03
N VAL B 407 9.92 7.11 7.96
CA VAL B 407 10.81 7.38 9.07
C VAL B 407 10.06 8.18 10.14
N PRO B 408 10.38 8.00 11.43
CA PRO B 408 9.90 8.92 12.46
C PRO B 408 10.53 10.31 12.35
N GLY C 3 14.11 8.58 19.80
CA GLY C 3 14.30 8.20 18.42
C GLY C 3 14.04 6.73 18.18
N ASP C 4 15.01 5.89 18.53
CA ASP C 4 14.81 4.46 18.46
C ASP C 4 13.69 4.03 19.39
N ILE C 5 12.95 2.99 18.99
CA ILE C 5 11.75 2.59 19.70
C ILE C 5 12.03 1.30 20.45
N GLN C 6 11.49 1.19 21.66
CA GLN C 6 11.69 0.02 22.50
C GLN C 6 10.34 -0.62 22.80
N MET C 7 10.29 -1.94 22.77
CA MET C 7 9.05 -2.66 23.06
C MET C 7 9.30 -3.62 24.22
N THR C 8 9.18 -3.12 25.43
CA THR C 8 9.55 -3.91 26.60
C THR C 8 8.50 -4.97 26.88
N GLN C 9 8.91 -6.01 27.60
CA GLN C 9 8.04 -7.13 27.90
C GLN C 9 8.09 -7.43 29.39
N SER C 10 6.94 -7.31 30.06
CA SER C 10 6.90 -7.65 31.48
C SER C 10 6.89 -9.15 31.71
N PRO C 11 5.98 -9.94 31.12
CA PRO C 11 6.00 -11.39 31.37
C PRO C 11 7.22 -12.05 30.73
N SER C 12 8.39 -11.81 31.32
CA SER C 12 9.62 -12.29 30.71
C SER C 12 9.81 -13.79 30.94
N SER C 13 9.30 -14.31 32.05
CA SER C 13 9.53 -15.70 32.42
C SER C 13 8.28 -16.25 33.11
N LEU C 14 7.61 -17.19 32.44
CA LEU C 14 6.44 -17.86 33.00
C LEU C 14 6.52 -19.34 32.70
N SER C 15 5.81 -20.14 33.50
CA SER C 15 5.79 -21.58 33.31
C SER C 15 4.68 -22.18 34.16
N ALA C 16 4.69 -23.52 34.23
CA ALA C 16 3.83 -24.29 35.12
C ALA C 16 2.36 -23.94 34.90
N SER C 17 2.01 -23.69 33.64
CA SER C 17 0.67 -23.25 33.28
C SER C 17 0.13 -24.15 32.17
N VAL C 18 -0.96 -24.85 32.48
CA VAL C 18 -1.52 -25.85 31.56
C VAL C 18 -3.00 -25.56 31.36
N GLY C 19 -3.41 -25.45 30.11
CA GLY C 19 -4.83 -25.34 29.77
C GLY C 19 -5.54 -24.20 30.45
N ASP C 20 -4.96 -23.01 30.43
CA ASP C 20 -5.52 -21.89 31.16
C ASP C 20 -5.37 -20.59 30.36
N ARG C 21 -6.12 -19.59 30.81
CA ARG C 21 -5.98 -18.25 30.28
C ARG C 21 -4.76 -17.57 30.89
N VAL C 22 -3.85 -17.15 30.03
CA VAL C 22 -2.66 -16.41 30.44
C VAL C 22 -2.54 -15.19 29.55
N THR C 23 -1.87 -14.15 30.06
CA THR C 23 -1.83 -12.84 29.42
C THR C 23 -0.39 -12.42 29.19
N ILE C 24 -0.19 -11.61 28.16
CA ILE C 24 1.14 -11.20 27.71
C ILE C 24 1.12 -9.69 27.52
N THR C 25 1.97 -8.99 28.26
CA THR C 25 1.93 -7.54 28.24
C THR C 25 3.19 -6.97 27.62
N CYS C 26 3.00 -6.22 26.53
CA CYS C 26 4.10 -5.49 25.92
C CYS C 26 3.86 -4.01 26.13
N ARG C 27 4.90 -3.32 26.62
CA ARG C 27 4.85 -1.91 26.91
C ARG C 27 5.59 -1.18 25.79
N ALA C 28 4.91 -0.23 25.18
CA ALA C 28 5.47 0.49 24.04
C ALA C 28 6.22 1.73 24.53
N SER C 29 7.43 1.91 24.00
CA SER C 29 8.23 3.06 24.40
C SER C 29 7.69 4.36 23.82
N GLN C 30 6.73 4.28 22.91
CA GLN C 30 6.15 5.48 22.32
C GLN C 30 4.75 5.15 21.80
N SER C 31 4.01 6.19 21.46
CA SER C 31 2.72 5.98 20.81
C SER C 31 2.92 5.25 19.50
N VAL C 32 2.17 4.16 19.31
CA VAL C 32 2.35 3.32 18.14
C VAL C 32 1.02 3.00 17.47
N SER C 33 -0.09 3.48 18.03
CA SER C 33 -1.42 3.24 17.49
C SER C 33 -1.61 1.73 17.42
N SER C 34 -1.85 1.16 16.24
CA SER C 34 -2.04 -0.27 16.09
C SER C 34 -0.95 -0.93 15.28
N ALA C 35 0.16 -0.23 15.00
CA ALA C 35 1.19 -0.84 14.16
C ALA C 35 2.01 -1.83 14.96
N VAL C 36 1.33 -2.75 15.63
CA VAL C 36 1.95 -3.69 16.55
C VAL C 36 1.53 -5.10 16.15
N ALA C 37 2.45 -6.04 16.24
CA ALA C 37 2.19 -7.43 15.90
C ALA C 37 2.91 -8.35 16.87
N TRP C 38 2.31 -9.52 17.07
CA TRP C 38 2.84 -10.56 17.94
C TRP C 38 3.02 -11.87 17.20
N TYR C 39 4.17 -12.48 17.44
CA TYR C 39 4.55 -13.76 16.85
C TYR C 39 4.86 -14.77 17.95
N GLN C 40 5.00 -16.03 17.57
CA GLN C 40 5.36 -17.09 18.50
C GLN C 40 6.51 -17.89 17.88
N GLN C 41 7.43 -18.35 18.72
CA GLN C 41 8.57 -19.13 18.26
C GLN C 41 8.90 -20.23 19.26
N LYS C 42 8.97 -21.45 18.75
CA LYS C 42 9.43 -22.74 19.27
C LYS C 42 10.93 -22.67 19.58
N PRO C 43 11.54 -23.72 20.13
CA PRO C 43 13.00 -23.70 20.24
C PRO C 43 13.66 -23.85 18.88
N GLY C 44 14.18 -22.74 18.37
CA GLY C 44 14.93 -22.76 17.12
C GLY C 44 14.17 -23.17 15.89
N LYS C 45 12.97 -22.63 15.66
CA LYS C 45 12.21 -22.93 14.47
C LYS C 45 11.93 -21.63 13.72
N ALA C 46 11.07 -21.71 12.74
CA ALA C 46 10.65 -20.51 12.05
C ALA C 46 9.58 -19.77 12.85
N PRO C 47 9.81 -18.51 13.20
CA PRO C 47 8.81 -17.79 13.98
C PRO C 47 7.68 -17.34 13.08
N LYS C 48 6.48 -17.85 13.36
CA LYS C 48 5.31 -17.66 12.53
C LYS C 48 4.50 -16.49 13.04
N LEU C 49 3.61 -15.99 12.20
CA LEU C 49 2.78 -14.85 12.56
C LEU C 49 1.67 -15.30 13.49
N LEU C 50 1.33 -14.47 14.46
CA LEU C 50 0.14 -14.70 15.27
C LEU C 50 -0.92 -13.63 15.06
N ILE C 51 -0.61 -12.37 15.33
CA ILE C 51 -1.59 -11.32 15.22
C ILE C 51 -0.92 -10.04 14.74
N TYR C 52 -1.64 -9.29 13.91
CA TYR C 52 -1.17 -8.02 13.39
C TYR C 52 -2.22 -6.95 13.64
N SER C 53 -1.73 -5.72 13.80
CA SER C 53 -2.57 -4.59 14.16
C SER C 53 -3.24 -4.82 15.51
N ALA C 54 -2.68 -5.77 16.25
CA ALA C 54 -3.11 -6.14 17.61
C ALA C 54 -4.48 -6.80 17.63
N SER C 55 -5.17 -6.85 16.49
CA SER C 55 -6.54 -7.31 16.48
C SER C 55 -6.80 -8.43 15.50
N SER C 56 -6.24 -8.37 14.31
CA SER C 56 -6.60 -9.32 13.27
C SER C 56 -5.78 -10.59 13.44
N LEU C 57 -6.43 -11.64 13.94
CA LEU C 57 -5.76 -12.92 14.03
C LEU C 57 -5.57 -13.49 12.64
N TYR C 58 -4.45 -14.17 12.43
CA TYR C 58 -4.09 -14.64 11.10
C TYR C 58 -4.96 -15.80 10.66
N SER C 59 -4.84 -16.15 9.38
CA SER C 59 -5.52 -17.32 8.87
C SER C 59 -5.03 -18.57 9.57
N GLY C 60 -5.96 -19.48 9.88
CA GLY C 60 -5.63 -20.76 10.46
C GLY C 60 -5.29 -20.73 11.94
N VAL C 61 -4.77 -19.63 12.46
CA VAL C 61 -4.31 -19.57 13.84
C VAL C 61 -5.49 -19.77 14.77
N PRO C 62 -5.37 -20.63 15.79
CA PRO C 62 -6.51 -20.88 16.68
C PRO C 62 -6.99 -19.62 17.37
N SER C 63 -8.32 -19.52 17.51
CA SER C 63 -8.93 -18.36 18.15
C SER C 63 -8.61 -18.26 19.62
N ARG C 64 -8.07 -19.32 20.21
CA ARG C 64 -7.66 -19.25 21.61
C ARG C 64 -6.64 -18.16 21.83
N PHE C 65 -5.95 -17.76 20.76
CA PHE C 65 -5.07 -16.61 20.78
C PHE C 65 -5.88 -15.35 20.50
N SER C 66 -5.78 -14.37 21.38
CA SER C 66 -6.41 -13.09 21.15
C SER C 66 -5.50 -11.98 21.65
N GLY C 67 -5.72 -10.77 21.15
CA GLY C 67 -4.96 -9.61 21.56
C GLY C 67 -5.85 -8.42 21.81
N SER C 68 -5.32 -7.43 22.53
CA SER C 68 -6.00 -6.18 22.79
C SER C 68 -4.98 -5.08 23.07
N ARG C 69 -5.42 -3.84 22.90
CA ARG C 69 -4.56 -2.69 23.11
C ARG C 69 -5.28 -1.68 24.00
N SER C 70 -4.56 -1.16 24.98
CA SER C 70 -5.03 -0.10 25.88
C SER C 70 -3.95 0.97 25.90
N GLY C 71 -4.21 2.09 25.25
CA GLY C 71 -3.17 3.09 25.11
C GLY C 71 -2.01 2.50 24.33
N THR C 72 -0.79 2.74 24.81
CA THR C 72 0.41 2.12 24.24
C THR C 72 0.75 0.81 24.93
N ASP C 73 -0.24 0.14 25.53
CA ASP C 73 -0.02 -1.06 26.29
C ASP C 73 -0.76 -2.20 25.60
N PHE C 74 -0.20 -3.41 25.66
CA PHE C 74 -0.67 -4.43 24.74
C PHE C 74 -0.77 -5.77 25.43
N THR C 75 -1.88 -6.47 25.22
CA THR C 75 -2.24 -7.64 26.01
C THR C 75 -2.56 -8.80 25.09
N LEU C 76 -2.09 -10.00 25.44
CA LEU C 76 -2.42 -11.22 24.72
C LEU C 76 -3.11 -12.15 25.70
N THR C 77 -4.13 -12.85 25.22
CA THR C 77 -4.88 -13.81 26.01
C THR C 77 -4.86 -15.16 25.33
N ILE C 78 -4.56 -16.20 26.10
CA ILE C 78 -4.92 -17.56 25.73
C ILE C 78 -5.90 -18.02 26.78
N SER C 79 -7.14 -18.28 26.37
CA SER C 79 -8.15 -18.71 27.34
C SER C 79 -7.77 -20.05 27.96
N SER C 80 -7.13 -20.91 27.19
CA SER C 80 -6.71 -22.22 27.67
C SER C 80 -5.46 -22.63 26.88
N LEU C 81 -4.41 -23.00 27.60
CA LEU C 81 -3.13 -23.34 26.98
C LEU C 81 -3.12 -24.75 26.42
N GLN C 82 -3.23 -24.86 25.13
CA GLN C 82 -3.15 -26.16 24.48
C GLN C 82 -1.75 -26.72 24.63
N PRO C 83 -1.62 -28.03 24.84
CA PRO C 83 -0.33 -28.59 25.27
C PRO C 83 0.86 -28.25 24.39
N GLU C 84 0.66 -27.77 23.16
CA GLU C 84 1.78 -27.43 22.28
C GLU C 84 2.13 -25.96 22.29
N ASP C 85 1.37 -25.12 22.98
CA ASP C 85 1.49 -23.68 22.85
C ASP C 85 2.79 -23.14 23.43
N PHE C 86 3.50 -23.93 24.22
CA PHE C 86 4.68 -23.48 24.95
C PHE C 86 5.72 -22.94 23.97
N ALA C 87 6.09 -21.67 24.16
CA ALA C 87 7.08 -21.04 23.29
C ALA C 87 7.55 -19.70 23.84
N THR C 88 8.29 -18.97 23.02
CA THR C 88 8.63 -17.58 23.31
C THR C 88 7.82 -16.69 22.37
N TYR C 89 7.10 -15.73 22.95
CA TYR C 89 6.15 -14.94 22.21
C TYR C 89 6.65 -13.50 22.14
N TYR C 90 6.71 -12.97 20.93
CA TYR C 90 7.44 -11.75 20.62
C TYR C 90 6.49 -10.62 20.26
N CYS C 91 6.72 -9.46 20.87
CA CYS C 91 5.97 -8.24 20.62
C CYS C 91 6.80 -7.27 19.82
N GLN C 92 6.17 -6.64 18.83
CA GLN C 92 6.94 -5.82 17.91
C GLN C 92 6.10 -4.68 17.35
N GLN C 93 6.58 -3.46 17.52
CA GLN C 93 5.99 -2.31 16.90
C GLN C 93 6.49 -2.17 15.47
N TYR C 94 5.61 -1.77 14.56
CA TYR C 94 6.05 -1.52 13.20
C TYR C 94 5.48 -0.22 12.64
N LYS C 95 5.57 0.86 13.40
CA LYS C 95 5.16 2.15 12.88
C LYS C 95 6.33 2.97 12.38
N TYR C 96 7.53 2.70 12.90
CA TYR C 96 8.70 3.49 12.58
C TYR C 96 9.87 2.61 12.19
N VAL C 97 10.69 3.11 11.28
CA VAL C 97 11.97 2.49 10.96
C VAL C 97 13.00 3.05 11.94
N PRO C 98 13.77 2.21 12.63
CA PRO C 98 13.70 0.76 12.52
C PRO C 98 12.56 0.18 13.33
N VAL C 99 11.78 -0.72 12.73
CA VAL C 99 10.84 -1.48 13.53
C VAL C 99 11.64 -2.31 14.51
N THR C 100 11.12 -2.44 15.73
CA THR C 100 11.88 -3.05 16.81
C THR C 100 11.10 -4.16 17.46
N PHE C 101 11.79 -5.25 17.76
CA PHE C 101 11.20 -6.38 18.48
C PHE C 101 11.76 -6.35 19.90
N GLY C 102 10.88 -6.54 20.87
CA GLY C 102 11.34 -6.76 22.22
C GLY C 102 11.57 -8.24 22.49
N CYS C 103 12.30 -8.52 23.56
CA CYS C 103 12.47 -9.89 23.99
C CYS C 103 11.14 -10.47 24.42
N GLY C 104 10.96 -11.76 24.15
CA GLY C 104 9.66 -12.40 24.25
C GLY C 104 9.39 -13.09 25.56
N THR C 105 8.47 -14.05 25.54
CA THR C 105 8.02 -14.66 26.79
C THR C 105 8.19 -16.17 26.74
N LYS C 106 9.12 -16.67 27.56
CA LYS C 106 9.30 -18.09 27.74
C LYS C 106 8.18 -18.62 28.62
N VAL C 107 7.38 -19.52 28.06
CA VAL C 107 6.38 -20.23 28.84
C VAL C 107 6.52 -21.72 28.61
N GLU C 108 6.63 -22.49 29.70
CA GLU C 108 6.98 -23.89 29.61
C GLU C 108 6.33 -24.69 30.71
N ILE C 109 6.50 -26.01 30.63
CA ILE C 109 6.05 -26.95 31.65
C ILE C 109 7.17 -27.96 31.88
N LYS C 110 7.17 -28.57 33.05
CA LYS C 110 8.21 -29.53 33.42
C LYS C 110 8.09 -30.79 32.57
N VAL C 128 3.30 -21.89 0.13
CA VAL C 128 4.37 -20.89 0.12
C VAL C 128 5.67 -21.52 0.61
N GLN C 129 6.77 -21.18 -0.05
CA GLN C 129 8.07 -21.72 0.35
C GLN C 129 9.04 -20.56 0.47
N LEU C 130 9.87 -20.60 1.51
CA LEU C 130 10.87 -19.58 1.71
C LEU C 130 12.00 -20.20 2.53
N VAL C 131 13.24 -19.99 2.10
CA VAL C 131 14.39 -20.66 2.70
C VAL C 131 15.57 -19.69 2.70
N GLU C 132 16.38 -19.74 3.76
CA GLU C 132 17.64 -19.01 3.82
C GLU C 132 18.79 -19.91 3.40
N SER C 133 19.94 -19.29 3.18
CA SER C 133 21.13 -20.02 2.75
C SER C 133 22.34 -19.12 2.81
N GLY C 134 23.52 -19.72 2.73
CA GLY C 134 24.74 -18.97 2.56
C GLY C 134 25.47 -18.59 3.82
N GLY C 135 25.08 -19.14 4.97
CA GLY C 135 25.70 -18.80 6.23
C GLY C 135 26.91 -19.67 6.58
N GLY C 136 27.48 -19.39 7.74
CA GLY C 136 28.62 -20.15 8.22
C GLY C 136 29.48 -19.27 9.12
N LEU C 137 30.69 -19.75 9.37
CA LEU C 137 31.66 -19.00 10.17
C LEU C 137 32.57 -18.19 9.27
N VAL C 138 32.93 -17.00 9.75
CA VAL C 138 33.81 -16.08 9.04
C VAL C 138 34.71 -15.41 10.06
N GLN C 139 35.96 -15.18 9.67
CA GLN C 139 36.88 -14.49 10.54
C GLN C 139 36.45 -13.04 10.71
N PRO C 140 36.84 -12.40 11.81
CA PRO C 140 36.53 -10.99 12.00
C PRO C 140 37.10 -10.16 10.86
N GLY C 141 36.34 -9.14 10.46
CA GLY C 141 36.72 -8.31 9.34
C GLY C 141 36.52 -8.96 7.99
N GLY C 142 35.81 -10.07 7.92
CA GLY C 142 35.59 -10.77 6.67
C GLY C 142 34.44 -10.19 5.87
N SER C 143 33.95 -10.99 4.93
CA SER C 143 32.81 -10.64 4.10
C SER C 143 32.12 -11.93 3.68
N LEU C 144 30.81 -11.87 3.51
CA LEU C 144 30.09 -13.08 3.12
C LEU C 144 28.77 -12.72 2.44
N ARG C 145 28.17 -13.68 1.75
CA ARG C 145 26.91 -13.49 1.06
C ARG C 145 25.84 -14.37 1.67
N LEU C 146 24.68 -13.79 1.95
CA LEU C 146 23.53 -14.54 2.43
C LEU C 146 22.41 -14.51 1.41
N SER C 147 21.78 -15.65 1.23
CA SER C 147 20.77 -15.84 0.20
C SER C 147 19.45 -16.21 0.83
N CYS C 148 18.38 -15.88 0.12
CA CYS C 148 17.02 -16.14 0.55
C CYS C 148 16.22 -16.51 -0.69
N ALA C 149 15.98 -17.81 -0.87
CA ALA C 149 15.17 -18.27 -1.99
C ALA C 149 13.71 -18.22 -1.57
N ALA C 150 12.87 -17.74 -2.47
CA ALA C 150 11.46 -17.56 -2.21
C ALA C 150 10.65 -18.13 -3.35
N SER C 151 9.51 -18.72 -3.03
CA SER C 151 8.79 -19.49 -4.02
C SER C 151 7.31 -19.47 -3.71
N GLY C 152 6.50 -19.33 -4.76
CA GLY C 152 5.06 -19.29 -4.64
C GLY C 152 4.47 -17.90 -4.70
N PHE C 153 5.29 -16.87 -4.59
CA PHE C 153 4.82 -15.49 -4.62
C PHE C 153 5.82 -14.66 -5.41
N ASN C 154 5.71 -13.34 -5.30
CA ASN C 154 6.43 -12.43 -6.17
C ASN C 154 7.13 -11.36 -5.34
N VAL C 155 8.36 -11.04 -5.73
CA VAL C 155 9.07 -9.97 -5.02
C VAL C 155 8.37 -8.64 -5.24
N TYR C 156 7.87 -8.40 -6.45
CA TYR C 156 7.22 -7.15 -6.80
C TYR C 156 5.92 -6.91 -6.06
N SER C 157 5.35 -7.92 -5.40
CA SER C 157 4.21 -7.71 -4.55
C SER C 157 4.55 -7.86 -3.06
N SER C 158 5.72 -8.38 -2.74
CA SER C 158 6.09 -8.65 -1.36
C SER C 158 7.42 -8.01 -1.03
N SER C 159 7.45 -7.26 0.06
CA SER C 159 8.69 -6.74 0.59
C SER C 159 9.49 -7.88 1.18
N ILE C 160 10.81 -7.72 1.23
CA ILE C 160 11.70 -8.74 1.76
C ILE C 160 12.45 -8.16 2.95
N HIS C 161 12.54 -8.90 4.03
CA HIS C 161 13.20 -8.39 5.21
C HIS C 161 14.13 -9.41 5.84
N TRP C 162 15.36 -8.99 6.10
CA TRP C 162 16.29 -9.77 6.90
C TRP C 162 16.25 -9.25 8.32
N VAL C 163 16.14 -10.17 9.26
CA VAL C 163 16.15 -9.86 10.69
C VAL C 163 17.12 -10.78 11.39
N ARG C 164 17.98 -10.18 12.21
CA ARG C 164 18.97 -10.94 12.97
C ARG C 164 18.32 -11.40 14.26
N GLN C 165 18.74 -12.56 14.75
CA GLN C 165 18.42 -12.96 16.11
C GLN C 165 19.72 -13.27 16.81
N ALA C 166 20.19 -12.32 17.60
CA ALA C 166 21.30 -12.62 18.48
C ALA C 166 20.84 -13.59 19.56
N PRO C 167 21.54 -14.71 19.71
CA PRO C 167 21.15 -15.68 20.74
C PRO C 167 21.16 -15.05 22.12
N GLY C 168 20.07 -15.22 22.86
CA GLY C 168 19.96 -14.59 24.16
C GLY C 168 19.74 -13.10 24.11
N LYS C 169 19.35 -12.57 22.94
CA LYS C 169 18.99 -11.17 22.79
C LYS C 169 17.71 -11.07 21.98
N CYS C 170 17.04 -9.92 22.08
CA CYS C 170 15.77 -9.72 21.40
C CYS C 170 15.97 -9.77 19.89
N LEU C 171 14.86 -9.64 19.16
CA LEU C 171 14.94 -9.59 17.70
C LEU C 171 15.15 -8.15 17.25
N GLU C 172 15.78 -7.99 16.10
CA GLU C 172 16.03 -6.67 15.53
C GLU C 172 15.98 -6.75 14.01
N TRP C 173 15.09 -5.97 13.41
CA TRP C 173 15.09 -5.80 11.97
C TRP C 173 16.43 -5.23 11.55
N VAL C 174 16.99 -5.73 10.45
CA VAL C 174 18.29 -5.22 10.02
C VAL C 174 18.28 -4.79 8.57
N ALA C 175 17.47 -5.44 7.74
CA ALA C 175 17.58 -5.19 6.31
C ALA C 175 16.22 -5.31 5.67
N SER C 176 15.96 -4.50 4.64
CA SER C 176 14.67 -4.51 3.99
C SER C 176 14.79 -4.03 2.56
N ILE C 177 14.09 -4.71 1.66
CA ILE C 177 13.96 -4.27 0.29
C ILE C 177 12.49 -4.09 -0.04
N SER C 178 12.17 -2.92 -0.56
CA SER C 178 10.92 -2.63 -1.26
C SER C 178 11.24 -2.75 -2.74
N SER C 179 11.08 -3.95 -3.28
CA SER C 179 11.37 -4.15 -4.70
C SER C 179 10.39 -3.38 -5.56
N TYR C 180 9.13 -3.32 -5.16
CA TYR C 180 8.15 -2.56 -5.93
C TYR C 180 8.49 -1.07 -5.93
N TYR C 181 9.25 -0.63 -4.95
CA TYR C 181 9.77 0.73 -4.93
C TYR C 181 11.27 0.82 -5.06
N GLY C 182 11.96 -0.32 -4.98
CA GLY C 182 13.41 -0.28 -5.07
C GLY C 182 14.06 0.52 -3.97
N TYR C 183 13.58 0.39 -2.74
CA TYR C 183 14.20 1.05 -1.61
C TYR C 183 14.85 0.03 -0.69
N THR C 184 15.97 0.43 -0.12
CA THR C 184 16.73 -0.42 0.77
C THR C 184 16.84 0.25 2.12
N TYR C 185 16.35 -0.44 3.15
CA TYR C 185 16.49 0.05 4.50
C TYR C 185 17.48 -0.85 5.22
N TYR C 186 18.30 -0.22 6.05
CA TYR C 186 19.22 -0.92 6.92
C TYR C 186 19.19 -0.25 8.29
N ALA C 187 19.78 -0.91 9.27
CA ALA C 187 19.89 -0.32 10.60
C ALA C 187 21.25 0.32 10.80
N ASP C 188 21.36 1.09 11.88
CA ASP C 188 22.57 1.88 12.10
C ASP C 188 23.81 1.01 12.15
N SER C 189 23.73 -0.15 12.80
CA SER C 189 24.89 -1.01 12.93
C SER C 189 25.31 -1.60 11.60
N VAL C 190 24.51 -1.44 10.56
CA VAL C 190 24.86 -1.89 9.22
C VAL C 190 24.74 -0.81 8.18
N LYS C 191 24.65 0.45 8.56
CA LYS C 191 24.75 1.53 7.58
C LYS C 191 26.06 1.43 6.82
N GLY C 192 25.96 1.37 5.50
CA GLY C 192 27.12 1.31 4.63
C GLY C 192 28.01 0.12 4.87
N ARG C 193 27.59 -0.84 5.69
CA ARG C 193 28.41 -1.98 6.03
C ARG C 193 27.86 -3.27 5.47
N PHE C 194 26.57 -3.51 5.63
CA PHE C 194 25.91 -4.67 5.05
C PHE C 194 24.97 -4.17 3.97
N THR C 195 25.05 -4.82 2.81
CA THR C 195 24.33 -4.34 1.63
C THR C 195 23.25 -5.34 1.30
N ILE C 196 22.14 -4.87 0.76
CA ILE C 196 21.06 -5.76 0.39
C ILE C 196 20.75 -5.58 -1.09
N SER C 197 20.32 -6.68 -1.71
CA SER C 197 19.95 -6.71 -3.11
C SER C 197 18.97 -7.86 -3.31
N ALA C 198 18.28 -7.85 -4.43
CA ALA C 198 17.35 -8.94 -4.71
C ALA C 198 17.34 -9.22 -6.19
N ASP C 199 17.62 -10.46 -6.56
CA ASP C 199 17.48 -10.90 -7.93
C ASP C 199 15.99 -11.21 -8.12
N THR C 200 15.28 -10.22 -8.66
CA THR C 200 13.88 -10.42 -8.97
C THR C 200 13.69 -11.57 -9.95
N SER C 201 14.63 -11.76 -10.87
CA SER C 201 14.51 -12.85 -11.83
C SER C 201 14.51 -14.18 -11.12
N LYS C 202 15.40 -14.37 -10.15
CA LYS C 202 15.49 -15.62 -9.42
C LYS C 202 14.65 -15.60 -8.16
N ASN C 203 13.91 -14.53 -7.89
CA ASN C 203 13.07 -14.43 -6.70
C ASN C 203 13.89 -14.63 -5.44
N THR C 204 15.04 -13.94 -5.38
CA THR C 204 16.00 -14.23 -4.33
C THR C 204 16.46 -12.94 -3.67
N ALA C 205 16.81 -13.04 -2.40
CA ALA C 205 17.42 -11.93 -1.67
C ALA C 205 18.86 -12.26 -1.33
N TYR C 206 19.73 -11.27 -1.50
CA TYR C 206 21.14 -11.43 -1.25
C TYR C 206 21.61 -10.29 -0.38
N LEU C 207 22.47 -10.60 0.57
CA LEU C 207 22.95 -9.59 1.51
C LEU C 207 24.44 -9.84 1.69
N GLN C 208 25.24 -8.81 1.45
CA GLN C 208 26.68 -8.94 1.56
C GLN C 208 27.17 -8.27 2.84
N MET C 209 28.00 -8.98 3.59
CA MET C 209 28.44 -8.57 4.92
C MET C 209 29.90 -8.18 4.82
N ASN C 210 30.23 -6.99 5.34
CA ASN C 210 31.56 -6.44 5.26
C ASN C 210 32.08 -6.10 6.65
N SER C 211 33.38 -6.25 6.84
CA SER C 211 34.06 -5.79 8.05
C SER C 211 33.38 -6.34 9.30
N LEU C 212 33.46 -7.65 9.47
CA LEU C 212 32.57 -8.33 10.41
C LEU C 212 33.15 -8.36 11.81
N ARG C 213 32.27 -8.35 12.81
CA ARG C 213 32.64 -8.36 14.22
C ARG C 213 31.87 -9.45 14.97
N ALA C 214 32.01 -9.42 16.30
CA ALA C 214 31.38 -10.43 17.14
C ALA C 214 29.85 -10.35 17.09
N GLU C 215 29.29 -9.14 17.08
CA GLU C 215 27.84 -8.98 17.09
C GLU C 215 27.20 -9.69 15.92
N ASP C 216 27.93 -9.83 14.82
CA ASP C 216 27.42 -10.46 13.62
C ASP C 216 27.08 -11.92 13.81
N THR C 217 27.67 -12.56 14.82
CA THR C 217 27.41 -13.97 15.06
C THR C 217 26.00 -14.13 15.61
N ALA C 218 25.06 -14.52 14.75
CA ALA C 218 23.68 -14.74 15.13
C ALA C 218 23.02 -15.51 13.99
N VAL C 219 21.81 -15.97 14.25
CA VAL C 219 21.02 -16.62 13.21
C VAL C 219 20.15 -15.55 12.57
N TYR C 220 20.23 -15.45 11.25
CA TYR C 220 19.53 -14.43 10.50
C TYR C 220 18.39 -15.13 9.77
N TYR C 221 17.26 -14.44 9.65
CA TYR C 221 16.10 -14.94 8.93
C TYR C 221 15.74 -13.97 7.82
N CYS C 222 15.15 -14.49 6.76
CA CYS C 222 14.49 -13.65 5.78
C CYS C 222 12.99 -13.92 5.82
N ALA C 223 12.22 -12.86 5.61
CA ALA C 223 10.82 -12.83 5.95
C ALA C 223 10.05 -12.07 4.88
N ARG C 224 8.87 -12.60 4.59
CA ARG C 224 7.95 -12.05 3.61
C ARG C 224 7.11 -10.95 4.24
N SER C 225 6.86 -9.92 3.46
CA SER C 225 5.79 -8.99 3.76
C SER C 225 4.77 -9.13 2.65
N ARG C 226 3.80 -8.22 2.65
CA ARG C 226 2.83 -8.14 1.57
C ARG C 226 2.84 -6.69 1.09
N GLN C 227 3.78 -6.37 0.20
CA GLN C 227 4.27 -5.03 -0.05
C GLN C 227 3.19 -4.07 -0.48
N PHE C 228 2.31 -4.47 -1.40
CA PHE C 228 1.30 -3.55 -1.90
C PHE C 228 0.45 -2.96 -0.79
N TRP C 229 0.33 -3.67 0.32
CA TRP C 229 -0.47 -3.19 1.44
C TRP C 229 0.04 -3.89 2.68
N TYR C 230 0.86 -3.18 3.43
CA TYR C 230 1.64 -3.83 4.46
C TYR C 230 0.75 -4.46 5.52
N SER C 231 1.23 -5.58 6.06
CA SER C 231 0.59 -6.28 7.16
C SER C 231 1.68 -7.00 7.93
N GLY C 232 1.28 -7.98 8.73
CA GLY C 232 2.25 -8.68 9.54
C GLY C 232 3.19 -9.56 8.73
N LEU C 233 4.35 -9.82 9.30
CA LEU C 233 5.32 -10.72 8.68
C LEU C 233 4.80 -12.14 8.78
N ASP C 234 4.42 -12.73 7.65
CA ASP C 234 3.67 -13.97 7.72
C ASP C 234 4.52 -15.23 7.69
N TYR C 235 5.25 -15.49 6.61
CA TYR C 235 5.94 -16.77 6.42
C TYR C 235 7.40 -16.49 6.16
N TRP C 236 8.28 -17.09 6.96
CA TRP C 236 9.68 -16.76 6.86
C TRP C 236 10.48 -18.02 6.56
N GLY C 237 11.80 -17.90 6.64
CA GLY C 237 12.66 -19.03 6.40
C GLY C 237 12.95 -19.81 7.66
N GLN C 238 13.91 -20.73 7.54
CA GLN C 238 14.34 -21.56 8.66
C GLN C 238 15.51 -20.96 9.42
N GLY C 239 16.03 -19.84 8.97
CA GLY C 239 17.13 -19.19 9.69
C GLY C 239 18.46 -19.85 9.42
N THR C 240 19.50 -19.03 9.37
CA THR C 240 20.85 -19.49 9.10
C THR C 240 21.83 -18.83 10.05
N LEU C 241 22.81 -19.59 10.52
CA LEU C 241 23.78 -19.04 11.46
C LEU C 241 24.93 -18.37 10.72
N VAL C 242 25.34 -17.22 11.24
CA VAL C 242 26.56 -16.55 10.81
C VAL C 242 27.41 -16.33 12.04
N THR C 243 28.57 -16.96 12.08
CA THR C 243 29.45 -16.97 13.23
C THR C 243 30.69 -16.16 12.92
N VAL C 244 31.20 -15.45 13.91
CA VAL C 244 32.47 -14.75 13.81
C VAL C 244 33.28 -15.16 15.02
N SER C 245 34.54 -15.54 14.79
CA SER C 245 35.44 -15.88 15.87
C SER C 245 36.86 -15.60 15.42
N SER C 246 37.70 -15.20 16.36
CA SER C 246 39.11 -14.94 16.10
C SER C 246 39.85 -16.19 15.66
N ALA C 247 39.38 -17.37 16.04
CA ALA C 247 39.99 -18.61 15.61
C ALA C 247 39.41 -19.06 14.27
N ALA C 248 40.03 -20.07 13.68
CA ALA C 248 39.57 -20.61 12.41
C ALA C 248 38.50 -21.67 12.62
#